data_4M5V
#
_entry.id   4M5V
#
_cell.length_a   87.495
_cell.length_b   101.266
_cell.length_c   65.832
_cell.angle_alpha   90.00
_cell.angle_beta   90.00
_cell.angle_gamma   90.00
#
_symmetry.space_group_name_H-M   'C 2 2 21'
#
loop_
_entity.id
_entity.type
_entity.pdbx_description
1 polymer 'Polymerase PA'
2 non-polymer 'SULFATE ION'
3 non-polymer 'CALCIUM ION'
4 water water
#
_entity_poly.entity_id   1
_entity_poly.type   'polypeptide(L)'
_entity_poly.pdbx_seq_one_letter_code
;MAHHHHHHSRAWRHPQFGGHHHHHHALEVLFQGPLGSMEDFVRQCFNPMIVELAEKAMKEYGEDPKIETNKFAAICTHLE
VCFMYSDFHFIDERGESIIVESGDPNALLKHRFEIIEGRDRIMAWTVVNSICNTTGVEKPKFLPDLYDYKENRFIEIGVT
RREVHIYYLEKANKIKSEKTHIHIFSFTGEEMATKADYTLDEESRARIKTRLFTIRQEMASRSLWDSFRQSERGEETVEE
R
;
_entity_poly.pdbx_strand_id   A
#
loop_
_chem_comp.id
_chem_comp.type
_chem_comp.name
_chem_comp.formula
CA non-polymer 'CALCIUM ION' 'Ca 2'
SO4 non-polymer 'SULFATE ION' 'O4 S -2'
#
# COMPACT_ATOMS: atom_id res chain seq x y z
N GLY A 33 13.53 -14.98 23.89
CA GLY A 33 12.24 -15.64 23.54
C GLY A 33 12.44 -16.69 22.46
N PRO A 34 11.41 -17.51 22.22
CA PRO A 34 11.48 -18.50 21.13
C PRO A 34 11.31 -17.83 19.77
N LEU A 35 11.99 -18.36 18.75
CA LEU A 35 11.82 -17.83 17.40
C LEU A 35 10.61 -18.45 16.74
N GLY A 36 9.65 -17.61 16.38
CA GLY A 36 8.48 -18.06 15.66
C GLY A 36 8.79 -18.17 14.19
N SER A 37 7.85 -18.74 13.43
CA SER A 37 7.96 -18.71 11.97
C SER A 37 7.22 -17.50 11.41
N MET A 38 7.83 -16.89 10.40
CA MET A 38 7.18 -15.76 9.75
C MET A 38 5.89 -16.21 9.07
N GLU A 39 5.86 -17.45 8.57
CA GLU A 39 4.63 -18.00 8.02
C GLU A 39 3.49 -17.90 9.03
N ASP A 40 3.75 -18.34 10.26
CA ASP A 40 2.75 -18.31 11.31
C ASP A 40 2.28 -16.88 11.57
N PHE A 41 3.23 -15.95 11.60
CA PHE A 41 2.91 -14.57 11.88
C PHE A 41 1.97 -14.01 10.81
N VAL A 42 2.33 -14.23 9.56
CA VAL A 42 1.53 -13.75 8.44
C VAL A 42 0.09 -14.27 8.46
N ARG A 43 -0.09 -15.56 8.67
CA ARG A 43 -1.45 -16.12 8.66
C ARG A 43 -2.28 -15.73 9.88
N GLN A 44 -1.62 -15.43 10.99
CA GLN A 44 -2.30 -15.08 12.22
C GLN A 44 -2.65 -13.60 12.28
N CYS A 45 -1.75 -12.77 11.72
CA CYS A 45 -1.85 -11.31 11.86
C CYS A 45 -2.35 -10.51 10.65
N PHE A 46 -2.52 -11.14 9.49
CA PHE A 46 -3.15 -10.45 8.34
C PHE A 46 -4.43 -11.15 7.99
N ASN A 47 -5.40 -10.39 7.48
CA ASN A 47 -6.66 -11.01 7.12
C ASN A 47 -6.46 -11.92 5.91
N PRO A 48 -7.28 -12.97 5.81
CA PRO A 48 -7.04 -14.00 4.79
C PRO A 48 -7.07 -13.49 3.35
N MET A 49 -7.86 -12.45 3.07
CA MET A 49 -7.89 -11.90 1.72
C MET A 49 -6.54 -11.29 1.34
N ILE A 50 -5.94 -10.56 2.27
CA ILE A 50 -4.61 -9.99 2.06
C ILE A 50 -3.57 -11.09 1.79
N VAL A 51 -3.54 -12.09 2.66
CA VAL A 51 -2.62 -13.21 2.54
C VAL A 51 -2.78 -13.89 1.18
N GLU A 52 -4.03 -14.14 0.80
CA GLU A 52 -4.31 -14.81 -0.46
C GLU A 52 -3.82 -13.95 -1.65
N LEU A 53 -4.14 -12.67 -1.64
CA LEU A 53 -3.65 -11.75 -2.67
C LEU A 53 -2.12 -11.70 -2.74
N ALA A 54 -1.48 -11.76 -1.57
CA ALA A 54 -0.02 -11.77 -1.48
C ALA A 54 0.59 -13.05 -2.07
N GLU A 55 0.02 -14.20 -1.73
CA GLU A 55 0.44 -15.47 -2.30
C GLU A 55 0.34 -15.46 -3.81
N LYS A 56 -0.75 -14.92 -4.31
CA LYS A 56 -1.03 -14.85 -5.75
C LYS A 56 -0.01 -13.96 -6.44
N ALA A 57 0.27 -12.79 -5.86
CA ALA A 57 1.28 -11.89 -6.42
C ALA A 57 2.65 -12.57 -6.50
N MET A 58 3.08 -13.22 -5.43
CA MET A 58 4.37 -13.91 -5.44
C MET A 58 4.41 -15.02 -6.49
N LYS A 59 3.39 -15.88 -6.53
CA LYS A 59 3.30 -16.93 -7.56
C LYS A 59 3.44 -16.33 -8.95
N GLU A 60 2.73 -15.23 -9.19
CA GLU A 60 2.70 -14.58 -10.50
C GLU A 60 4.13 -14.22 -10.94
N TYR A 61 4.97 -13.81 -9.99
CA TYR A 61 6.37 -13.46 -10.26
C TYR A 61 7.41 -14.56 -9.98
N GLY A 62 6.96 -15.78 -9.71
CA GLY A 62 7.87 -16.89 -9.53
C GLY A 62 8.56 -17.00 -8.19
N GLU A 63 8.03 -16.31 -7.18
CA GLU A 63 8.59 -16.35 -5.83
C GLU A 63 7.71 -17.24 -4.97
N ASP A 64 8.32 -18.01 -4.06
CA ASP A 64 7.56 -18.92 -3.21
C ASP A 64 7.41 -18.28 -1.82
N PRO A 65 6.16 -18.06 -1.35
CA PRO A 65 5.99 -17.42 -0.04
C PRO A 65 6.63 -18.16 1.14
N LYS A 66 7.07 -19.39 0.92
CA LYS A 66 7.62 -20.19 2.00
C LYS A 66 9.13 -20.19 2.04
N ILE A 67 9.73 -19.44 1.14
CA ILE A 67 11.17 -19.29 1.11
C ILE A 67 11.53 -17.82 1.25
N GLU A 68 10.92 -16.97 0.43
CA GLU A 68 11.13 -15.54 0.56
C GLU A 68 10.07 -15.04 1.54
N THR A 69 10.26 -15.40 2.82
CA THR A 69 9.25 -15.23 3.87
C THR A 69 9.15 -13.81 4.34
N ASN A 70 10.29 -13.16 4.45
CA ASN A 70 10.33 -11.76 4.78
C ASN A 70 9.64 -10.96 3.68
N LYS A 71 9.86 -11.38 2.43
CA LYS A 71 9.23 -10.73 1.28
C LYS A 71 7.71 -10.90 1.33
N PHE A 72 7.29 -12.10 1.68
CA PHE A 72 5.88 -12.44 1.86
C PHE A 72 5.22 -11.47 2.85
N ALA A 73 5.84 -11.35 4.02
CA ALA A 73 5.35 -10.42 5.04
C ALA A 73 5.38 -8.96 4.55
N ALA A 74 6.41 -8.59 3.80
CA ALA A 74 6.49 -7.23 3.27
C ALA A 74 5.35 -6.97 2.29
N ILE A 75 5.04 -7.97 1.47
CA ILE A 75 4.02 -7.80 0.43
C ILE A 75 2.66 -7.69 1.12
N CYS A 76 2.45 -8.50 2.15
CA CYS A 76 1.20 -8.42 2.92
C CYS A 76 1.06 -7.03 3.54
N THR A 77 2.14 -6.55 4.14
CA THR A 77 2.14 -5.24 4.80
C THR A 77 1.79 -4.14 3.82
N HIS A 78 2.47 -4.16 2.68
CA HIS A 78 2.27 -3.18 1.62
C HIS A 78 0.83 -3.20 1.09
N LEU A 79 0.29 -4.40 0.88
CA LEU A 79 -1.10 -4.53 0.48
C LEU A 79 -2.05 -3.90 1.49
N GLU A 80 -1.83 -4.24 2.76
CA GLU A 80 -2.70 -3.74 3.81
C GLU A 80 -2.66 -2.22 3.86
N VAL A 81 -1.46 -1.65 3.73
CA VAL A 81 -1.31 -0.20 3.71
C VAL A 81 -2.10 0.44 2.56
N CYS A 82 -2.02 -0.14 1.37
CA CYS A 82 -2.79 0.33 0.22
C CYS A 82 -4.29 0.33 0.53
N PHE A 83 -4.77 -0.73 1.16
CA PHE A 83 -6.17 -0.82 1.52
C PHE A 83 -6.52 0.22 2.60
N MET A 84 -5.66 0.35 3.60
CA MET A 84 -5.92 1.31 4.68
C MET A 84 -5.84 2.76 4.18
N TYR A 85 -4.98 3.01 3.20
CA TYR A 85 -4.87 4.34 2.58
C TYR A 85 -6.19 4.74 1.92
N SER A 86 -6.88 3.79 1.32
CA SER A 86 -8.13 4.09 0.63
C SER A 86 -9.36 3.94 1.52
N ASP A 87 -9.20 3.25 2.65
CA ASP A 87 -10.33 3.00 3.56
C ASP A 87 -11.01 4.30 3.98
N PHE A 88 -12.33 4.32 3.91
CA PHE A 88 -13.16 5.40 4.48
C PHE A 88 -13.26 6.66 3.65
N HIS A 89 -12.53 6.73 2.53
CA HIS A 89 -12.44 8.00 1.78
C HIS A 89 -13.35 7.98 0.58
N PHE A 90 -14.24 8.96 0.54
CA PHE A 90 -15.23 9.01 -0.51
C PHE A 90 -15.25 10.38 -1.10
N ILE A 91 -15.96 10.48 -2.22
CA ILE A 91 -16.29 11.76 -2.77
C ILE A 91 -17.80 11.91 -2.66
N ASP A 92 -18.22 13.01 -2.05
CA ASP A 92 -19.58 13.16 -1.56
C ASP A 92 -20.57 13.39 -2.69
N GLU A 93 -21.84 13.54 -2.32
CA GLU A 93 -22.90 13.77 -3.28
C GLU A 93 -22.63 15.04 -4.10
N ARG A 94 -21.86 15.95 -3.51
CA ARG A 94 -21.52 17.20 -4.16
C ARG A 94 -20.13 17.19 -4.83
N GLY A 95 -19.37 16.12 -4.65
CA GLY A 95 -18.12 15.96 -5.35
C GLY A 95 -16.85 16.46 -4.66
N GLU A 96 -16.90 16.57 -3.33
CA GLU A 96 -15.72 16.92 -2.54
C GLU A 96 -15.35 15.70 -1.68
N SER A 97 -14.28 15.77 -0.90
CA SER A 97 -13.70 14.58 -0.27
C SER A 97 -14.05 14.48 1.21
N ILE A 98 -14.65 13.35 1.58
CA ILE A 98 -15.16 13.14 2.93
C ILE A 98 -14.75 11.79 3.47
N ILE A 99 -14.83 11.66 4.79
CA ILE A 99 -14.42 10.45 5.48
C ILE A 99 -15.63 9.88 6.21
N VAL A 100 -15.96 8.63 5.94
CA VAL A 100 -17.03 7.96 6.68
C VAL A 100 -16.56 6.58 7.19
N GLU A 101 -16.66 6.40 8.50
CA GLU A 101 -16.21 5.18 9.17
C GLU A 101 -17.32 4.16 9.42
N SER A 102 -18.52 4.38 8.88
CA SER A 102 -19.57 3.39 9.05
C SER A 102 -19.18 2.14 8.28
N GLY A 103 -19.97 1.09 8.41
CA GLY A 103 -19.78 -0.12 7.63
C GLY A 103 -20.73 -0.08 6.45
N ASP A 104 -21.73 0.79 6.55
CA ASP A 104 -22.71 1.00 5.50
C ASP A 104 -22.74 2.47 5.12
N PRO A 105 -21.94 2.86 4.12
CA PRO A 105 -21.96 4.27 3.68
C PRO A 105 -23.21 4.64 2.89
N ASN A 106 -23.31 5.92 2.55
CA ASN A 106 -24.37 6.43 1.69
C ASN A 106 -24.06 5.96 0.27
N ALA A 107 -25.02 5.30 -0.36
CA ALA A 107 -24.79 4.64 -1.65
C ALA A 107 -24.57 5.59 -2.83
N LEU A 108 -24.80 6.89 -2.63
CA LEU A 108 -24.44 7.88 -3.65
C LEU A 108 -22.99 8.32 -3.56
N LEU A 109 -22.30 7.92 -2.51
CA LEU A 109 -20.89 8.25 -2.35
C LEU A 109 -20.03 7.41 -3.28
N LYS A 110 -19.05 8.06 -3.88
CA LYS A 110 -18.06 7.39 -4.71
C LYS A 110 -16.75 7.19 -3.94
N HIS A 111 -16.16 6.00 -4.07
CA HIS A 111 -14.84 5.78 -3.51
C HIS A 111 -13.86 6.78 -4.09
N ARG A 112 -13.07 7.39 -3.20
CA ARG A 112 -12.08 8.36 -3.63
C ARG A 112 -10.94 7.70 -4.42
N PHE A 113 -10.56 6.50 -4.03
CA PHE A 113 -9.40 5.81 -4.62
C PHE A 113 -9.81 4.56 -5.40
N GLU A 114 -9.13 4.36 -6.52
CA GLU A 114 -9.09 3.07 -7.18
C GLU A 114 -7.87 2.31 -6.67
N ILE A 115 -8.03 1.02 -6.40
CA ILE A 115 -6.92 0.20 -5.91
C ILE A 115 -6.42 -0.65 -7.06
N ILE A 116 -5.19 -0.39 -7.48
CA ILE A 116 -4.54 -1.12 -8.57
C ILE A 116 -3.75 -2.33 -8.08
N GLU A 117 -3.00 -2.15 -6.99
CA GLU A 117 -2.27 -3.24 -6.37
C GLU A 117 -3.21 -4.34 -5.92
N GLY A 118 -2.71 -5.57 -5.91
CA GLY A 118 -3.51 -6.71 -5.51
C GLY A 118 -4.21 -7.37 -6.69
N ARG A 119 -4.26 -6.69 -7.83
CA ARG A 119 -4.88 -7.28 -9.03
C ARG A 119 -3.82 -7.96 -9.87
N ASP A 120 -4.18 -9.04 -10.56
CA ASP A 120 -3.25 -9.66 -11.50
C ASP A 120 -3.00 -8.68 -12.66
N ARG A 121 -1.91 -8.88 -13.38
CA ARG A 121 -1.45 -7.92 -14.39
C ARG A 121 -2.51 -7.51 -15.41
N ILE A 122 -3.25 -8.48 -15.93
CA ILE A 122 -4.27 -8.20 -16.96
C ILE A 122 -5.32 -7.22 -16.41
N MET A 123 -5.84 -7.51 -15.22
CA MET A 123 -6.90 -6.69 -14.64
C MET A 123 -6.34 -5.35 -14.18
N ALA A 124 -5.13 -5.35 -13.64
CA ALA A 124 -4.49 -4.12 -13.22
C ALA A 124 -4.35 -3.14 -14.38
N TRP A 125 -3.87 -3.60 -15.52
CA TRP A 125 -3.73 -2.73 -16.68
C TRP A 125 -5.07 -2.36 -17.29
N THR A 126 -6.04 -3.27 -17.20
CA THR A 126 -7.38 -2.97 -17.67
C THR A 126 -7.93 -1.76 -16.89
N VAL A 127 -7.73 -1.78 -15.57
CA VAL A 127 -8.21 -0.69 -14.72
C VAL A 127 -7.44 0.60 -15.00
N VAL A 128 -6.12 0.52 -15.09
CA VAL A 128 -5.28 1.67 -15.43
C VAL A 128 -5.71 2.29 -16.75
N ASN A 129 -5.96 1.47 -17.76
CA ASN A 129 -6.39 1.95 -19.07
C ASN A 129 -7.75 2.65 -18.99
N SER A 130 -8.66 2.09 -18.22
CA SER A 130 -9.98 2.67 -18.06
C SER A 130 -9.90 4.04 -17.40
N ILE A 131 -9.11 4.14 -16.33
CA ILE A 131 -8.94 5.41 -15.63
C ILE A 131 -8.41 6.48 -16.57
N CYS A 132 -7.36 6.10 -17.31
CA CYS A 132 -6.63 7.02 -18.19
C CYS A 132 -7.45 7.61 -19.33
N ASN A 133 -8.40 6.82 -19.84
CA ASN A 133 -9.17 7.24 -21.00
C ASN A 133 -10.26 8.17 -20.53
N THR A 134 -10.90 7.75 -19.44
CA THR A 134 -11.88 8.57 -18.73
C THR A 134 -11.32 9.91 -18.28
N THR A 135 -10.47 9.89 -17.25
CA THR A 135 -9.99 11.13 -16.65
C THR A 135 -9.02 11.87 -17.57
N GLY A 136 -8.55 11.20 -18.62
CA GLY A 136 -7.54 11.78 -19.49
C GLY A 136 -6.16 11.91 -18.86
N VAL A 137 -5.95 11.31 -17.69
CA VAL A 137 -4.61 11.32 -17.10
C VAL A 137 -3.65 10.46 -17.92
N GLU A 138 -2.38 10.81 -17.83
CA GLU A 138 -1.34 10.13 -18.60
C GLU A 138 -1.14 8.70 -18.13
N LYS A 139 -0.80 7.82 -19.07
CA LYS A 139 -0.66 6.41 -18.76
C LYS A 139 0.71 6.12 -18.16
N PRO A 140 0.74 5.48 -16.97
CA PRO A 140 2.05 5.22 -16.38
C PRO A 140 2.79 4.07 -17.06
N LYS A 141 4.11 4.08 -16.93
CA LYS A 141 4.97 3.09 -17.55
C LYS A 141 5.07 1.80 -16.72
N PHE A 142 4.79 1.92 -15.43
CA PHE A 142 4.74 0.78 -14.52
C PHE A 142 3.43 0.84 -13.78
N LEU A 143 2.93 -0.31 -13.33
CA LEU A 143 1.71 -0.31 -12.54
C LEU A 143 1.90 0.44 -11.24
N PRO A 144 1.02 1.42 -10.96
CA PRO A 144 1.08 2.08 -9.66
C PRO A 144 0.22 1.32 -8.67
N ASP A 145 0.11 1.83 -7.45
CA ASP A 145 -0.71 1.21 -6.41
C ASP A 145 -2.16 1.67 -6.34
N LEU A 146 -2.37 2.98 -6.51
CA LEU A 146 -3.68 3.58 -6.36
C LEU A 146 -3.91 4.63 -7.43
N TYR A 147 -5.17 4.99 -7.65
CA TYR A 147 -5.51 6.23 -8.33
C TYR A 147 -6.37 7.10 -7.41
N ASP A 148 -6.09 8.40 -7.39
CA ASP A 148 -6.78 9.31 -6.49
C ASP A 148 -7.69 10.18 -7.35
N TYR A 149 -9.00 9.99 -7.21
CA TYR A 149 -9.96 10.71 -8.04
C TYR A 149 -10.08 12.17 -7.62
N LYS A 150 -9.68 12.50 -6.39
CA LYS A 150 -9.76 13.90 -5.94
C LYS A 150 -8.60 14.69 -6.51
N GLU A 151 -7.40 14.13 -6.38
CA GLU A 151 -6.18 14.79 -6.80
C GLU A 151 -5.86 14.51 -8.27
N ASN A 152 -6.58 13.57 -8.87
CA ASN A 152 -6.42 13.22 -10.27
C ASN A 152 -5.01 12.73 -10.60
N ARG A 153 -4.52 11.77 -9.83
CA ARG A 153 -3.17 11.24 -10.00
C ARG A 153 -3.06 9.81 -9.50
N PHE A 154 -2.18 9.05 -10.14
CA PHE A 154 -1.76 7.75 -9.63
C PHE A 154 -0.81 7.91 -8.45
N ILE A 155 -0.83 6.93 -7.54
CA ILE A 155 0.03 6.92 -6.37
C ILE A 155 0.84 5.64 -6.30
N GLU A 156 2.13 5.83 -6.07
CA GLU A 156 3.04 4.75 -5.71
C GLU A 156 3.22 4.78 -4.20
N ILE A 157 2.78 3.71 -3.53
CA ILE A 157 2.91 3.61 -2.08
C ILE A 157 4.16 2.82 -1.79
N GLY A 158 4.90 3.20 -0.77
CA GLY A 158 5.98 2.34 -0.31
C GLY A 158 6.02 2.24 1.19
N VAL A 159 6.51 1.08 1.62
CA VAL A 159 6.68 0.75 3.02
C VAL A 159 8.08 0.21 3.16
N THR A 160 8.90 0.88 3.96
CA THR A 160 10.31 0.54 4.03
C THR A 160 10.77 0.32 5.47
N ARG A 161 11.72 -0.60 5.57
CA ARG A 161 12.46 -0.91 6.79
C ARG A 161 13.77 -0.14 6.86
N ARG A 162 13.99 0.71 5.86
CA ARG A 162 15.14 1.62 5.84
C ARG A 162 14.65 3.05 5.94
N GLU A 163 15.56 4.00 5.79
CA GLU A 163 15.22 5.42 5.84
C GLU A 163 14.36 5.81 4.65
N VAL A 164 13.30 6.58 4.89
CA VAL A 164 12.36 6.92 3.84
C VAL A 164 12.98 7.67 2.66
N HIS A 165 14.00 8.50 2.91
CA HIS A 165 14.54 9.33 1.84
C HIS A 165 15.24 8.45 0.81
N ILE A 166 15.89 7.39 1.27
CA ILE A 166 16.63 6.52 0.37
C ILE A 166 15.67 5.71 -0.48
N TYR A 167 14.71 5.07 0.18
CA TYR A 167 13.66 4.36 -0.52
C TYR A 167 12.92 5.31 -1.48
N TYR A 168 12.64 6.53 -1.04
CA TYR A 168 11.97 7.51 -1.90
C TYR A 168 12.74 7.74 -3.20
N LEU A 169 14.04 7.98 -3.08
CA LEU A 169 14.88 8.24 -4.25
C LEU A 169 14.95 7.03 -5.17
N GLU A 170 15.01 5.83 -4.60
CA GLU A 170 15.00 4.62 -5.41
C GLU A 170 13.73 4.54 -6.26
N LYS A 171 12.59 4.82 -5.64
CA LYS A 171 11.29 4.78 -6.34
C LYS A 171 11.21 5.84 -7.41
N ALA A 172 11.67 7.05 -7.08
CA ALA A 172 11.54 8.18 -7.98
C ALA A 172 12.36 7.94 -9.24
N ASN A 173 13.47 7.25 -9.06
CA ASN A 173 14.40 7.02 -10.17
C ASN A 173 13.97 5.82 -11.01
N LYS A 174 13.07 5.00 -10.46
CA LYS A 174 12.53 3.88 -11.23
C LYS A 174 11.40 4.33 -12.16
N ILE A 175 10.53 5.20 -11.65
CA ILE A 175 9.33 5.58 -12.40
C ILE A 175 9.69 6.38 -13.66
N LYS A 176 10.97 6.75 -13.81
CA LYS A 176 11.40 7.63 -14.88
C LYS A 176 10.59 8.94 -14.85
N SER A 177 9.84 9.23 -15.91
CA SER A 177 9.02 10.45 -15.92
C SER A 177 7.86 10.35 -14.91
N GLU A 178 7.42 11.49 -14.39
CA GLU A 178 6.48 11.54 -13.26
C GLU A 178 5.31 12.49 -13.44
N LYS A 179 4.09 11.96 -13.46
CA LYS A 179 2.96 12.61 -12.79
C LYS A 179 2.54 11.83 -11.54
N THR A 180 3.09 10.62 -11.42
CA THR A 180 2.74 9.67 -10.36
C THR A 180 3.28 10.17 -9.01
N HIS A 181 2.38 10.27 -8.05
CA HIS A 181 2.72 10.72 -6.70
C HIS A 181 3.30 9.57 -5.90
N ILE A 182 4.38 9.84 -5.18
CA ILE A 182 5.00 8.85 -4.31
C ILE A 182 4.75 9.17 -2.84
N HIS A 183 4.35 8.16 -2.08
CA HIS A 183 4.14 8.30 -0.64
C HIS A 183 4.80 7.10 0.05
N ILE A 184 5.82 7.41 0.85
CA ILE A 184 6.61 6.40 1.56
C ILE A 184 6.32 6.43 3.05
N PHE A 185 6.04 5.25 3.58
CA PHE A 185 5.94 5.00 5.01
C PHE A 185 7.09 4.13 5.49
N SER A 186 7.52 4.35 6.73
CA SER A 186 8.50 3.47 7.35
C SER A 186 7.83 2.80 8.54
N PHE A 187 8.54 1.91 9.21
CA PHE A 187 7.97 1.24 10.36
C PHE A 187 8.14 2.04 11.64
N THR A 188 8.96 3.09 11.58
CA THR A 188 9.24 3.95 12.73
C THR A 188 8.45 5.29 12.72
N GLY A 189 7.53 5.46 11.77
CA GLY A 189 6.66 6.63 11.78
C GLY A 189 7.03 7.75 10.81
N GLU A 190 8.21 7.70 10.22
CA GLU A 190 8.60 8.66 9.21
C GLU A 190 7.80 8.47 7.93
N GLU A 191 7.48 9.59 7.27
CA GLU A 191 6.93 9.58 5.93
C GLU A 191 7.72 10.49 5.02
N MET A 192 7.68 10.20 3.72
CA MET A 192 8.15 11.12 2.72
C MET A 192 7.22 11.01 1.52
N ALA A 193 6.80 12.15 0.99
CA ALA A 193 5.91 12.17 -0.15
C ALA A 193 6.25 13.29 -1.11
N THR A 194 5.94 13.05 -2.38
CA THR A 194 6.26 13.98 -3.45
C THR A 194 5.83 15.40 -3.11
N LYS A 195 6.76 16.34 -3.26
CA LYS A 195 6.50 17.77 -3.08
C LYS A 195 5.93 18.11 -1.70
N ALA A 196 6.20 17.25 -0.71
CA ALA A 196 5.74 17.47 0.66
C ALA A 196 4.22 17.52 0.69
N ASP A 197 3.62 16.84 -0.26
CA ASP A 197 2.17 16.73 -0.39
C ASP A 197 1.76 15.32 0.07
N TYR A 198 1.03 15.24 1.19
CA TYR A 198 0.82 13.98 1.89
C TYR A 198 -0.57 13.39 1.64
N THR A 199 -1.34 14.08 0.79
CA THR A 199 -2.64 13.60 0.30
C THR A 199 -3.72 13.48 1.37
N LEU A 200 -3.45 12.70 2.41
CA LEU A 200 -4.45 12.40 3.43
C LEU A 200 -4.24 13.23 4.70
N ASP A 201 -5.30 13.32 5.48
CA ASP A 201 -5.29 13.94 6.80
C ASP A 201 -4.34 13.20 7.74
N GLU A 202 -3.94 13.84 8.84
CA GLU A 202 -3.07 13.19 9.82
C GLU A 202 -3.67 11.93 10.44
N GLU A 203 -4.98 11.92 10.69
CA GLU A 203 -5.59 10.77 11.36
C GLU A 203 -5.50 9.50 10.51
N SER A 204 -5.79 9.62 9.22
CA SER A 204 -5.68 8.47 8.32
C SER A 204 -4.27 7.93 8.28
N ARG A 205 -3.29 8.80 8.12
CA ARG A 205 -1.90 8.34 8.11
C ARG A 205 -1.46 7.81 9.47
N ALA A 206 -2.03 8.35 10.55
CA ALA A 206 -1.79 7.80 11.89
C ALA A 206 -2.31 6.38 12.05
N ARG A 207 -3.45 6.06 11.44
CA ARG A 207 -3.98 4.69 11.48
C ARG A 207 -2.97 3.74 10.87
N ILE A 208 -2.42 4.14 9.74
CA ILE A 208 -1.45 3.33 9.02
C ILE A 208 -0.20 3.17 9.85
N LYS A 209 0.34 4.27 10.37
CA LYS A 209 1.55 4.19 11.17
C LYS A 209 1.33 3.33 12.43
N THR A 210 0.14 3.39 12.99
CA THR A 210 -0.16 2.61 14.18
C THR A 210 -0.10 1.12 13.82
N ARG A 211 -0.68 0.79 12.67
CA ARG A 211 -0.67 -0.59 12.20
C ARG A 211 0.76 -1.09 11.97
N LEU A 212 1.59 -0.26 11.34
CA LEU A 212 2.98 -0.61 11.10
C LEU A 212 3.73 -0.82 12.42
N PHE A 213 3.49 0.05 13.40
CA PHE A 213 4.09 -0.10 14.72
C PHE A 213 3.68 -1.43 15.33
N THR A 214 2.42 -1.80 15.14
CA THR A 214 1.89 -3.03 15.74
C THR A 214 2.51 -4.27 15.07
N ILE A 215 2.67 -4.21 13.75
CA ILE A 215 3.33 -5.28 13.01
C ILE A 215 4.76 -5.45 13.53
N ARG A 216 5.50 -4.34 13.59
CA ARG A 216 6.87 -4.38 14.08
C ARG A 216 6.96 -4.95 15.49
N GLN A 217 6.09 -4.50 16.38
CA GLN A 217 6.13 -4.95 17.77
C GLN A 217 5.85 -6.44 17.87
N GLU A 218 4.88 -6.91 17.08
CA GLU A 218 4.46 -8.29 17.16
C GLU A 218 5.56 -9.18 16.58
N MET A 219 6.17 -8.75 15.48
CA MET A 219 7.31 -9.49 14.92
C MET A 219 8.42 -9.59 15.98
N ALA A 220 8.65 -8.47 16.68
CA ALA A 220 9.71 -8.41 17.68
C ALA A 220 9.47 -9.41 18.81
N SER A 221 8.21 -9.59 19.19
CA SER A 221 7.90 -10.50 20.29
C SER A 221 8.07 -11.95 19.88
N ARG A 222 8.01 -12.20 18.57
CA ARG A 222 8.25 -13.53 18.02
C ARG A 222 9.70 -13.68 17.54
N SER A 223 10.51 -12.67 17.82
CA SER A 223 11.90 -12.59 17.40
C SER A 223 12.08 -12.69 15.87
N LEU A 224 11.15 -12.11 15.12
CA LEU A 224 11.24 -12.04 13.65
C LEU A 224 11.71 -10.70 13.09
N TRP A 225 11.79 -9.67 13.94
CA TRP A 225 11.98 -8.30 13.46
C TRP A 225 13.37 -7.94 12.94
N ASP A 226 14.44 -8.19 13.70
CA ASP A 226 15.77 -7.73 13.26
C ASP A 226 16.11 -8.28 11.89
N SER A 227 15.78 -9.54 11.66
CA SER A 227 16.01 -10.15 10.36
C SER A 227 15.13 -9.56 9.26
N PHE A 228 13.82 -9.49 9.50
CA PHE A 228 12.90 -8.83 8.58
C PHE A 228 13.41 -7.44 8.19
N ARG A 229 13.82 -6.65 9.18
CA ARG A 229 14.34 -5.31 8.92
C ARG A 229 15.56 -5.32 8.00
N GLN A 230 16.47 -6.27 8.25
CA GLN A 230 17.73 -6.34 7.51
C GLN A 230 17.62 -6.93 6.09
N SER A 231 16.49 -7.54 5.77
CA SER A 231 16.34 -8.22 4.49
C SER A 231 15.97 -7.33 3.31
N GLU A 232 15.54 -6.09 3.56
CA GLU A 232 15.05 -5.25 2.46
C GLU A 232 16.17 -4.91 1.46
S SO4 B . 14.26 -9.32 16.79
O1 SO4 B . 15.09 -9.90 17.84
O2 SO4 B . 14.83 -9.66 15.49
O3 SO4 B . 12.92 -9.86 16.81
O4 SO4 B . 14.16 -7.88 17.00
S SO4 C . 13.96 -15.24 3.89
O1 SO4 C . 13.93 -16.28 4.92
O2 SO4 C . 14.66 -15.76 2.71
O3 SO4 C . 14.66 -14.06 4.39
O4 SO4 C . 12.59 -14.88 3.52
CA CA D . 2.26 -5.74 -7.01
CA CA E . 2.84 -1.95 -6.52
#